data_2GH7
#
_entry.id   2GH7
#
_cell.length_a   46.390
_cell.length_b   93.811
_cell.length_c   104.449
_cell.angle_alpha   90.00
_cell.angle_beta   90.00
_cell.angle_gamma   90.00
#
_symmetry.space_group_name_H-M   'I 2 2 2'
#
loop_
_entity.id
_entity.type
_entity.pdbx_description
1 polymer Streptavidin
2 non-polymer BIOTIN
3 non-polymer EPI-BIOTIN
4 non-polymer GLYCEROL
5 water water
#
_entity_poly.entity_id   1
_entity_poly.type   'polypeptide(L)'
_entity_poly.pdbx_seq_one_letter_code
;AEAGITGTWYNQLGSTFIVTAGADGALTGTYESAVGNAESRYVLTGRYDSAPATDGSGTALGWTVAWKNNYRNAHSATTW
SGQYVGGAEARINTQWLLTSGTTEANAWKSTLVGHDTFTKVKPSAAS
;
_entity_poly.pdbx_strand_id   A,B
#
loop_
_chem_comp.id
_chem_comp.type
_chem_comp.name
_chem_comp.formula
BTN non-polymer BIOTIN 'C10 H16 N2 O3 S'
BTQ non-polymer EPI-BIOTIN 'C10 H16 N2 O3 S'
GOL non-polymer GLYCEROL 'C3 H8 O3'
#
# COMPACT_ATOMS: atom_id res chain seq x y z
N GLU A 2 -5.21 -8.56 14.49
CA GLU A 2 -3.91 -8.91 15.04
C GLU A 2 -3.74 -10.44 15.16
N ALA A 3 -4.23 -11.19 16.15
CA ALA A 3 -4.15 -12.65 15.95
C ALA A 3 -4.97 -12.98 14.71
N GLY A 4 -5.99 -12.13 14.52
CA GLY A 4 -6.95 -12.34 13.44
C GLY A 4 -6.23 -12.27 12.10
N ILE A 5 -5.54 -11.19 11.85
CA ILE A 5 -4.85 -10.97 10.59
C ILE A 5 -3.64 -11.86 10.47
N THR A 6 -2.90 -12.05 11.54
CA THR A 6 -1.69 -12.82 11.46
C THR A 6 -1.91 -14.23 10.99
N GLY A 7 -1.15 -14.67 9.98
CA GLY A 7 -1.25 -16.01 9.48
C GLY A 7 -0.91 -16.09 7.99
N THR A 8 -1.33 -17.22 7.41
CA THR A 8 -1.12 -17.50 6.00
C THR A 8 -2.47 -17.41 5.28
N TRP A 9 -2.42 -16.77 4.13
CA TRP A 9 -3.61 -16.52 3.35
C TRP A 9 -3.34 -16.85 1.89
N TYR A 10 -4.39 -17.27 1.16
CA TYR A 10 -4.23 -17.60 -0.28
CA TYR A 10 -4.33 -17.38 -0.29
C TYR A 10 -5.33 -16.87 -1.05
C TYR A 10 -5.43 -16.58 -0.97
N ASN A 11 -5.11 -16.29 -2.25
CA ASN A 11 -6.13 -15.65 -3.04
C ASN A 11 -6.61 -16.53 -4.18
N GLN A 12 -7.54 -15.98 -4.96
CA GLN A 12 -8.19 -16.73 -6.02
C GLN A 12 -7.26 -17.09 -7.15
N LEU A 13 -6.14 -16.43 -7.30
CA LEU A 13 -5.12 -16.77 -8.26
C LEU A 13 -4.21 -17.89 -7.81
N GLY A 14 -4.26 -18.25 -6.53
CA GLY A 14 -3.31 -19.17 -5.95
C GLY A 14 -2.06 -18.53 -5.35
N SER A 15 -2.06 -17.22 -5.22
CA SER A 15 -0.95 -16.53 -4.56
C SER A 15 -1.04 -16.75 -3.04
N THR A 16 0.12 -16.61 -2.39
CA THR A 16 0.34 -16.82 -0.96
C THR A 16 0.80 -15.57 -0.25
N PHE A 17 0.15 -15.21 0.83
CA PHE A 17 0.39 -14.01 1.61
C PHE A 17 0.68 -14.52 3.05
N ILE A 18 1.88 -14.32 3.60
CA ILE A 18 2.19 -14.64 4.99
C ILE A 18 2.44 -13.36 5.73
N VAL A 19 1.70 -13.09 6.79
CA VAL A 19 1.72 -11.79 7.42
C VAL A 19 1.69 -11.93 8.93
N THR A 20 2.35 -10.95 9.57
CA THR A 20 2.29 -10.75 11.00
C THR A 20 1.74 -9.33 11.26
N ALA A 21 0.73 -9.23 12.09
CA ALA A 21 0.15 -7.97 12.49
C ALA A 21 0.68 -7.60 13.86
N GLY A 22 1.39 -6.50 13.93
CA GLY A 22 2.03 -6.04 15.19
C GLY A 22 1.09 -5.18 15.99
N ALA A 23 1.33 -5.05 17.30
CA ALA A 23 0.47 -4.32 18.20
C ALA A 23 0.42 -2.84 17.84
N ASP A 24 1.41 -2.31 17.17
CA ASP A 24 1.50 -0.91 16.75
C ASP A 24 0.76 -0.61 15.43
N GLY A 25 0.12 -1.57 14.82
CA GLY A 25 -0.51 -1.34 13.51
C GLY A 25 0.36 -1.78 12.32
N ALA A 26 1.52 -2.38 12.55
CA ALA A 26 2.37 -2.80 11.45
C ALA A 26 1.89 -4.12 10.86
N LEU A 27 2.04 -4.25 9.53
CA LEU A 27 1.99 -5.52 8.83
C LEU A 27 3.37 -5.78 8.23
N THR A 28 3.87 -7.01 8.41
CA THR A 28 5.13 -7.43 7.84
C THR A 28 4.95 -8.85 7.35
N GLY A 29 5.62 -9.25 6.30
CA GLY A 29 5.59 -10.60 5.85
C GLY A 29 6.15 -10.79 4.46
N THR A 30 5.64 -11.81 3.78
CA THR A 30 6.11 -12.14 2.44
C THR A 30 4.92 -12.46 1.56
N TYR A 31 5.12 -12.24 0.26
CA TYR A 31 4.10 -12.47 -0.73
C TYR A 31 4.70 -13.31 -1.87
N GLU A 32 3.97 -14.30 -2.33
CA GLU A 32 4.36 -15.10 -3.49
C GLU A 32 3.22 -15.04 -4.48
N SER A 33 3.47 -14.48 -5.66
CA SER A 33 2.44 -14.38 -6.64
C SER A 33 2.43 -15.58 -7.58
N ALA A 34 1.23 -16.08 -7.85
CA ALA A 34 1.01 -17.16 -8.81
C ALA A 34 1.14 -16.71 -10.26
N VAL A 35 1.08 -15.43 -10.51
CA VAL A 35 1.08 -14.87 -11.84
C VAL A 35 2.04 -13.70 -12.00
N GLY A 36 2.29 -13.30 -13.23
CA GLY A 36 3.07 -12.13 -13.53
C GLY A 36 4.55 -12.39 -13.51
N ASN A 37 5.24 -11.23 -13.55
CA ASN A 37 6.71 -11.25 -13.62
C ASN A 37 7.28 -11.38 -12.23
N ALA A 38 7.20 -12.59 -11.68
CA ALA A 38 7.43 -12.83 -10.28
C ALA A 38 7.82 -14.28 -10.04
N GLU A 39 8.73 -14.48 -9.10
CA GLU A 39 9.09 -15.82 -8.67
C GLU A 39 9.57 -15.74 -7.21
N SER A 40 9.26 -16.78 -6.45
CA SER A 40 9.66 -16.83 -5.05
C SER A 40 8.92 -15.77 -4.24
N ARG A 41 9.43 -15.53 -3.05
CA ARG A 41 8.81 -14.61 -2.08
C ARG A 41 9.37 -13.22 -2.17
N TYR A 42 8.48 -12.26 -1.90
CA TYR A 42 8.84 -10.86 -1.89
C TYR A 42 8.46 -10.26 -0.55
N VAL A 43 9.24 -9.29 -0.09
CA VAL A 43 8.91 -8.57 1.14
C VAL A 43 7.63 -7.80 0.96
N LEU A 44 6.78 -7.82 2.00
CA LEU A 44 5.67 -6.89 2.07
C LEU A 44 5.72 -6.16 3.39
N THR A 45 5.18 -4.93 3.33
CA THR A 45 5.01 -4.13 4.52
C THR A 45 3.71 -3.37 4.36
N GLY A 46 3.01 -3.11 5.47
CA GLY A 46 1.80 -2.35 5.45
C GLY A 46 1.35 -1.94 6.83
N ARG A 47 0.09 -1.53 6.89
CA ARG A 47 -0.49 -0.97 8.12
C ARG A 47 -1.94 -1.48 8.21
N TYR A 48 -2.44 -1.57 9.44
CA TYR A 48 -3.83 -1.91 9.66
C TYR A 48 -4.34 -1.08 10.84
N ASP A 49 -5.64 -0.92 10.92
CA ASP A 49 -6.33 -0.26 12.07
C ASP A 49 -6.26 -1.18 13.27
N SER A 50 -5.42 -0.85 14.27
CA SER A 50 -5.23 -1.70 15.41
C SER A 50 -6.28 -1.47 16.49
N ALA A 51 -7.24 -0.60 16.29
CA ALA A 51 -8.34 -0.46 17.24
C ALA A 51 -9.62 -0.24 16.46
N PRO A 52 -10.03 -1.25 15.73
CA PRO A 52 -11.13 -1.10 14.77
C PRO A 52 -12.45 -0.96 15.43
N ALA A 53 -13.47 -0.65 14.65
CA ALA A 53 -14.83 -0.59 15.19
C ALA A 53 -15.28 -2.01 15.51
N THR A 54 -16.13 -2.06 16.50
CA THR A 54 -16.66 -3.26 17.14
C THR A 54 -18.12 -3.47 16.79
N ASP A 55 -18.57 -2.75 15.75
CA ASP A 55 -19.96 -2.63 15.42
C ASP A 55 -20.38 -3.48 14.22
N GLY A 56 -19.57 -4.44 13.83
CA GLY A 56 -19.77 -5.39 12.74
C GLY A 56 -19.09 -4.96 11.44
N SER A 57 -18.21 -3.99 11.51
CA SER A 57 -17.45 -3.47 10.40
C SER A 57 -16.14 -4.25 10.25
N GLY A 58 -15.58 -4.26 9.05
CA GLY A 58 -14.28 -4.82 8.82
C GLY A 58 -13.20 -3.94 9.37
N THR A 59 -11.99 -4.51 9.37
CA THR A 59 -10.80 -3.80 9.84
C THR A 59 -10.00 -3.32 8.62
N ALA A 60 -9.85 -2.02 8.47
CA ALA A 60 -9.17 -1.49 7.30
C ALA A 60 -7.67 -1.80 7.37
N LEU A 61 -7.08 -2.05 6.19
CA LEU A 61 -5.67 -2.39 6.09
C LEU A 61 -5.19 -2.14 4.69
N GLY A 62 -3.85 -2.13 4.55
CA GLY A 62 -3.24 -2.11 3.23
C GLY A 62 -1.82 -2.56 3.33
N TRP A 63 -1.25 -2.99 2.18
CA TRP A 63 0.15 -3.34 2.16
C TRP A 63 0.69 -3.17 0.73
N THR A 64 2.03 -3.15 0.66
CA THR A 64 2.76 -2.96 -0.58
C THR A 64 3.79 -4.09 -0.74
N VAL A 65 3.93 -4.53 -2.01
CA VAL A 65 5.04 -5.33 -2.46
C VAL A 65 5.71 -4.60 -3.61
N ALA A 66 7.03 -4.36 -3.52
CA ALA A 66 7.82 -3.99 -4.68
C ALA A 66 8.38 -5.31 -5.24
N TRP A 67 8.21 -5.50 -6.54
CA TRP A 67 8.47 -6.81 -7.16
C TRP A 67 9.96 -7.00 -7.53
N LYS A 68 10.79 -6.76 -6.52
CA LYS A 68 12.20 -7.02 -6.55
C LYS A 68 12.54 -7.92 -5.36
N ASN A 69 13.19 -9.04 -5.64
CA ASN A 69 13.75 -9.86 -4.58
C ASN A 69 15.14 -10.27 -5.03
N ASN A 70 15.75 -11.25 -4.36
CA ASN A 70 17.14 -11.49 -4.69
C ASN A 70 17.20 -12.43 -5.87
N TYR A 71 16.09 -12.69 -6.58
CA TYR A 71 16.03 -13.55 -7.76
C TYR A 71 15.48 -12.91 -9.03
N ARG A 72 14.70 -11.81 -8.92
CA ARG A 72 14.03 -11.20 -10.05
C ARG A 72 13.66 -9.76 -9.71
N ASN A 73 13.57 -8.93 -10.73
CA ASN A 73 13.11 -7.59 -10.58
C ASN A 73 12.19 -7.23 -11.75
N ALA A 74 10.93 -6.97 -11.48
CA ALA A 74 9.94 -6.62 -12.48
C ALA A 74 9.80 -5.10 -12.63
N HIS A 75 10.48 -4.31 -11.84
CA HIS A 75 10.41 -2.84 -11.89
C HIS A 75 8.96 -2.38 -11.74
N SER A 76 8.31 -2.83 -10.70
CA SER A 76 6.92 -2.58 -10.46
C SER A 76 6.60 -2.78 -8.98
N ALA A 77 5.42 -2.30 -8.58
CA ALA A 77 5.01 -2.39 -7.17
C ALA A 77 3.46 -2.50 -7.18
N THR A 78 2.96 -3.33 -6.29
CA THR A 78 1.50 -3.43 -6.08
C THR A 78 1.17 -2.95 -4.65
N THR A 79 0.06 -2.23 -4.54
CA THR A 79 -0.52 -1.96 -3.25
C THR A 79 -1.93 -2.58 -3.21
N TRP A 80 -2.26 -3.18 -2.10
CA TRP A 80 -3.56 -3.73 -1.82
C TRP A 80 -4.19 -2.88 -0.71
N SER A 81 -5.42 -2.45 -0.92
CA SER A 81 -6.21 -1.69 0.05
C SER A 81 -7.49 -2.48 0.31
N GLY A 82 -7.85 -2.71 1.57
CA GLY A 82 -9.01 -3.49 1.79
C GLY A 82 -9.40 -3.60 3.27
N GLN A 83 -10.13 -4.67 3.56
CA GLN A 83 -10.59 -4.87 4.95
C GLN A 83 -10.56 -6.35 5.25
N TYR A 84 -10.20 -6.58 6.52
CA TYR A 84 -10.26 -7.90 7.13
C TYR A 84 -11.62 -8.09 7.76
N VAL A 85 -12.23 -9.21 7.48
CA VAL A 85 -13.52 -9.62 8.00
C VAL A 85 -13.25 -10.87 8.81
N GLY A 86 -13.37 -10.78 10.12
CA GLY A 86 -12.95 -11.83 11.04
C GLY A 86 -14.02 -12.89 11.23
N GLY A 87 -13.80 -13.76 12.20
CA GLY A 87 -14.70 -14.89 12.30
C GLY A 87 -14.07 -16.19 11.82
N ALA A 88 -14.84 -17.25 11.89
CA ALA A 88 -14.30 -18.58 11.67
C ALA A 88 -13.90 -18.81 10.21
N GLU A 89 -14.46 -18.04 9.28
CA GLU A 89 -14.09 -18.03 7.86
C GLU A 89 -13.63 -16.64 7.47
N ALA A 90 -12.45 -16.35 8.04
CA ALA A 90 -11.90 -15.02 7.87
C ALA A 90 -11.48 -14.76 6.44
N ARG A 91 -11.69 -13.51 6.03
CA ARG A 91 -11.42 -13.05 4.67
C ARG A 91 -10.73 -11.73 4.71
N ILE A 92 -9.87 -11.46 3.72
CA ILE A 92 -9.39 -10.13 3.47
C ILE A 92 -9.82 -9.80 2.04
N ASN A 93 -10.66 -8.77 1.92
CA ASN A 93 -11.20 -8.36 0.63
C ASN A 93 -10.50 -7.12 0.20
N THR A 94 -9.92 -7.09 -1.01
CA THR A 94 -9.03 -6.03 -1.42
C THR A 94 -9.34 -5.55 -2.84
N GLN A 95 -8.90 -4.34 -3.09
CA GLN A 95 -8.63 -3.82 -4.43
C GLN A 95 -7.15 -3.47 -4.46
N TRP A 96 -6.57 -3.53 -5.65
CA TRP A 96 -5.14 -3.31 -5.77
C TRP A 96 -4.81 -2.47 -7.00
N LEU A 97 -3.63 -1.84 -6.91
CA LEU A 97 -3.03 -1.04 -7.96
C LEU A 97 -1.61 -1.53 -8.18
N LEU A 98 -1.29 -1.92 -9.41
CA LEU A 98 0.03 -2.38 -9.79
C LEU A 98 0.61 -1.34 -10.73
N THR A 99 1.63 -0.60 -10.25
CA THR A 99 2.31 0.39 -11.07
C THR A 99 3.63 -0.16 -11.52
N SER A 100 3.88 -0.09 -12.83
CA SER A 100 5.17 -0.37 -13.40
C SER A 100 5.95 0.90 -13.64
N GLY A 101 7.27 0.88 -13.43
CA GLY A 101 8.08 1.97 -13.87
C GLY A 101 8.00 2.11 -15.39
N THR A 102 7.82 3.34 -15.87
CA THR A 102 7.66 3.56 -17.31
C THR A 102 8.46 4.81 -17.66
N THR A 103 8.63 4.99 -18.98
CA THR A 103 9.08 6.27 -19.42
C THR A 103 7.92 7.26 -19.29
N GLU A 104 8.23 8.55 -19.37
CA GLU A 104 7.18 9.57 -19.25
C GLU A 104 6.10 9.41 -20.33
N ALA A 105 6.53 9.09 -21.55
CA ALA A 105 5.55 8.96 -22.65
C ALA A 105 4.61 7.80 -22.43
N ASN A 106 5.02 6.80 -21.67
CA ASN A 106 4.23 5.61 -21.41
C ASN A 106 3.51 5.63 -20.05
N ALA A 107 3.61 6.75 -19.33
CA ALA A 107 3.06 6.78 -17.98
C ALA A 107 1.58 6.59 -17.94
N TRP A 108 0.86 6.93 -19.01
CA TRP A 108 -0.59 6.77 -19.05
C TRP A 108 -0.98 5.31 -18.90
N LYS A 109 -0.13 4.37 -19.27
CA LYS A 109 -0.41 2.95 -19.21
C LYS A 109 0.42 2.25 -18.12
N SER A 110 0.81 2.97 -17.11
CA SER A 110 1.62 2.40 -16.05
C SER A 110 0.90 1.56 -15.03
N THR A 111 -0.40 1.70 -14.88
CA THR A 111 -1.06 1.16 -13.68
C THR A 111 -2.24 0.27 -14.03
N LEU A 112 -2.19 -0.98 -13.54
CA LEU A 112 -3.25 -1.94 -13.59
C LEU A 112 -4.05 -1.89 -12.29
N VAL A 113 -5.35 -2.20 -12.36
CA VAL A 113 -6.23 -2.27 -11.21
C VAL A 113 -6.91 -3.61 -11.20
N GLY A 114 -7.14 -4.15 -10.00
CA GLY A 114 -7.86 -5.36 -9.85
C GLY A 114 -8.35 -5.58 -8.42
N HIS A 115 -8.79 -6.77 -8.15
CA HIS A 115 -9.34 -7.10 -6.86
C HIS A 115 -8.96 -8.55 -6.51
N ASP A 116 -8.55 -8.74 -5.27
CA ASP A 116 -8.20 -10.06 -4.75
C ASP A 116 -8.96 -10.32 -3.45
N THR A 117 -9.42 -11.55 -3.30
CA THR A 117 -10.03 -12.00 -2.06
C THR A 117 -9.12 -13.07 -1.47
N PHE A 118 -8.72 -12.87 -0.22
CA PHE A 118 -7.85 -13.79 0.51
C PHE A 118 -8.62 -14.57 1.54
N THR A 119 -8.32 -15.87 1.58
CA THR A 119 -8.88 -16.80 2.53
C THR A 119 -7.80 -17.26 3.49
N LYS A 120 -8.09 -17.28 4.78
CA LYS A 120 -7.08 -17.65 5.76
C LYS A 120 -6.97 -19.19 5.84
N VAL A 121 -5.73 -19.68 5.90
CA VAL A 121 -5.53 -21.11 6.03
C VAL A 121 -4.90 -21.40 7.41
C VAL A 121 -5.24 -21.39 7.50
N LYS A 122 -4.49 -22.62 7.77
N LYS A 122 -6.15 -22.29 7.95
CA LYS A 122 -4.00 -23.06 9.06
CA LYS A 122 -6.28 -22.55 9.38
C LYS A 122 -3.15 -24.30 8.91
C LYS A 122 -6.77 -23.94 9.74
N GLY B 4 16.58 12.24 -4.76
CA GLY B 4 16.19 10.86 -4.44
C GLY B 4 14.79 10.88 -3.83
N ILE B 5 14.29 9.70 -3.49
CA ILE B 5 12.98 9.57 -2.87
C ILE B 5 13.00 10.14 -1.47
N THR B 6 14.07 9.91 -0.74
CA THR B 6 14.11 10.43 0.65
C THR B 6 13.90 11.92 0.69
N GLY B 7 12.99 12.37 1.54
CA GLY B 7 12.79 13.79 1.74
C GLY B 7 11.36 14.11 2.14
N THR B 8 11.06 15.41 2.05
CA THR B 8 9.75 15.91 2.38
C THR B 8 9.03 16.35 1.10
N TRP B 9 7.87 15.75 0.91
CA TRP B 9 7.08 15.92 -0.28
C TRP B 9 5.71 16.53 0.06
N TYR B 10 5.11 17.17 -0.93
CA TYR B 10 3.81 17.81 -0.75
C TYR B 10 2.97 17.48 -1.96
N ASN B 11 1.67 17.21 -1.76
CA ASN B 11 0.83 16.94 -2.92
C ASN B 11 -0.06 18.15 -3.20
N GLN B 12 -0.93 17.98 -4.20
CA GLN B 12 -1.77 19.07 -4.72
C GLN B 12 -2.80 19.52 -3.71
N LEU B 13 -3.09 18.74 -2.69
CA LEU B 13 -3.99 19.10 -1.61
C LEU B 13 -3.26 19.84 -0.48
N GLY B 14 -1.94 19.86 -0.48
CA GLY B 14 -1.16 20.42 0.57
C GLY B 14 -0.79 19.46 1.67
N SER B 15 -1.03 18.17 1.49
CA SER B 15 -0.57 17.13 2.44
C SER B 15 0.94 17.01 2.41
N THR B 16 1.48 16.60 3.56
CA THR B 16 2.94 16.46 3.73
C THR B 16 3.31 15.02 3.95
N PHE B 17 4.23 14.54 3.10
CA PHE B 17 4.70 13.15 3.06
C PHE B 17 6.19 13.18 3.33
N ILE B 18 6.61 12.71 4.50
CA ILE B 18 8.01 12.71 4.90
C ILE B 18 8.47 11.27 4.88
N VAL B 19 9.51 10.96 4.09
CA VAL B 19 9.82 9.57 3.86
C VAL B 19 11.34 9.39 3.78
N THR B 20 11.76 8.20 4.23
CA THR B 20 13.12 7.68 4.05
C THR B 20 13.05 6.42 3.21
N ALA B 21 13.88 6.40 2.17
CA ALA B 21 14.02 5.24 1.31
C ALA B 21 15.27 4.48 1.75
N GLY B 22 15.04 3.29 2.30
CA GLY B 22 16.14 2.44 2.74
C GLY B 22 16.83 1.82 1.53
N ALA B 23 18.08 1.44 1.71
CA ALA B 23 18.89 1.03 0.56
C ALA B 23 18.35 -0.20 -0.17
N ASP B 24 17.65 -1.08 0.54
CA ASP B 24 17.15 -2.34 -0.02
C ASP B 24 15.67 -2.36 -0.32
N GLY B 25 15.02 -1.20 -0.31
CA GLY B 25 13.67 -1.14 -0.79
C GLY B 25 12.62 -0.69 0.20
N ALA B 26 12.95 -0.44 1.44
CA ALA B 26 11.95 0.03 2.40
C ALA B 26 11.62 1.49 2.19
N LEU B 27 10.33 1.83 2.42
CA LEU B 27 9.90 3.21 2.63
C LEU B 27 9.34 3.29 4.03
N THR B 28 9.78 4.31 4.76
CA THR B 28 9.34 4.50 6.15
C THR B 28 9.14 5.97 6.37
N GLY B 29 8.06 6.43 6.96
CA GLY B 29 7.89 7.83 7.25
C GLY B 29 6.59 8.17 7.87
N THR B 30 6.17 9.43 7.62
CA THR B 30 4.94 9.93 8.19
C THR B 30 4.18 10.66 7.12
N TYR B 31 2.85 10.73 7.32
CA TYR B 31 1.95 11.41 6.40
C TYR B 31 1.03 12.30 7.20
N GLU B 32 0.83 13.52 6.71
CA GLU B 32 -0.10 14.47 7.34
C GLU B 32 -1.03 14.92 6.22
N SER B 33 -2.32 14.60 6.32
CA SER B 33 -3.26 14.93 5.31
C SER B 33 -3.88 16.29 5.55
N ALA B 34 -3.99 17.08 4.47
CA ALA B 34 -4.67 18.37 4.57
C ALA B 34 -6.20 18.25 4.56
N VAL B 35 -6.73 17.08 4.23
CA VAL B 35 -8.18 16.84 4.10
C VAL B 35 -8.57 15.53 4.80
N GLY B 36 -9.89 15.42 4.99
CA GLY B 36 -10.42 14.22 5.51
C GLY B 36 -10.46 14.11 7.02
N ASN B 37 -10.78 12.91 7.51
CA ASN B 37 -10.86 12.65 8.95
C ASN B 37 -9.47 12.34 9.51
N ALA B 38 -8.66 13.38 9.66
CA ALA B 38 -7.24 13.25 9.87
C ALA B 38 -6.71 14.48 10.57
N GLU B 39 -5.79 14.29 11.51
CA GLU B 39 -5.08 15.40 12.12
C GLU B 39 -3.68 14.92 12.51
N SER B 40 -2.71 15.81 12.31
CA SER B 40 -1.32 15.53 12.65
C SER B 40 -0.76 14.40 11.78
N ARG B 41 0.33 13.80 12.23
CA ARG B 41 1.05 12.82 11.44
C ARG B 41 0.58 11.42 11.75
N TYR B 42 0.64 10.59 10.70
CA TYR B 42 0.35 9.19 10.76
C TYR B 42 1.53 8.38 10.25
N VAL B 43 1.73 7.20 10.82
CA VAL B 43 2.79 6.33 10.36
C VAL B 43 2.51 5.83 8.96
N LEU B 44 3.55 5.75 8.12
CA LEU B 44 3.44 5.08 6.84
C LEU B 44 4.61 4.10 6.67
N THR B 45 4.33 3.05 5.91
CA THR B 45 5.39 2.13 5.47
C THR B 45 5.05 1.72 4.04
N GLY B 46 6.10 1.37 3.29
CA GLY B 46 5.93 0.92 1.95
C GLY B 46 7.21 0.34 1.40
N ARG B 47 7.23 0.20 0.06
CA ARG B 47 8.33 -0.43 -0.64
C ARG B 47 8.59 0.34 -1.94
N TYR B 48 9.83 0.26 -2.43
CA TYR B 48 10.12 0.83 -3.73
C TYR B 48 11.14 -0.08 -4.42
N ASP B 49 11.24 0.06 -5.73
CA ASP B 49 12.25 -0.64 -6.52
C ASP B 49 13.62 -0.03 -6.31
N SER B 50 14.48 -0.70 -5.58
CA SER B 50 15.80 -0.23 -5.19
C SER B 50 16.86 -0.47 -6.27
N ALA B 51 16.46 -0.99 -7.42
CA ALA B 51 17.37 -1.10 -8.59
C ALA B 51 16.55 -0.86 -9.85
N PRO B 52 16.11 0.41 -10.10
CA PRO B 52 15.24 0.67 -11.25
C PRO B 52 15.99 0.43 -12.55
N ALA B 53 15.21 0.36 -13.62
CA ALA B 53 15.73 0.24 -14.99
C ALA B 53 16.59 1.48 -15.33
N THR B 54 17.46 1.26 -16.29
CA THR B 54 18.39 2.35 -16.62
C THR B 54 18.07 2.94 -17.97
N ASP B 55 16.84 2.86 -18.43
CA ASP B 55 16.34 3.33 -19.69
C ASP B 55 15.50 4.58 -19.64
N GLY B 56 15.49 5.35 -18.55
CA GLY B 56 14.63 6.53 -18.52
C GLY B 56 13.36 6.28 -17.75
N SER B 57 13.10 5.08 -17.34
CA SER B 57 11.87 4.76 -16.63
C SER B 57 11.88 5.26 -15.20
N GLY B 58 10.71 5.52 -14.68
CA GLY B 58 10.52 5.87 -13.28
C GLY B 58 10.76 4.68 -12.40
N THR B 59 10.75 5.02 -11.07
CA THR B 59 10.99 4.02 -10.02
C THR B 59 9.67 3.68 -9.36
N ALA B 60 9.22 2.45 -9.49
CA ALA B 60 7.96 2.03 -8.93
C ALA B 60 8.01 2.01 -7.40
N LEU B 61 6.88 2.37 -6.80
CA LEU B 61 6.81 2.42 -5.34
C LEU B 61 5.36 2.37 -4.89
N GLY B 62 5.19 2.10 -3.58
CA GLY B 62 3.88 2.22 -2.98
C GLY B 62 4.02 2.36 -1.46
N TRP B 63 2.98 2.87 -0.83
CA TRP B 63 2.98 2.90 0.63
C TRP B 63 1.54 2.93 1.13
N THR B 64 1.43 2.67 2.47
CA THR B 64 0.16 2.60 3.16
C THR B 64 0.19 3.50 4.39
N VAL B 65 -0.96 4.12 4.66
CA VAL B 65 -1.27 4.75 5.92
C VAL B 65 -2.57 4.14 6.45
N ALA B 66 -2.57 3.66 7.70
CA ALA B 66 -3.81 3.41 8.42
C ALA B 66 -4.10 4.67 9.23
N TRP B 67 -5.31 5.17 9.17
CA TRP B 67 -5.64 6.49 9.68
C TRP B 67 -6.01 6.48 11.17
N LYS B 68 -5.11 5.92 11.95
CA LYS B 68 -5.17 5.89 13.41
C LYS B 68 -3.86 6.47 13.93
N ASN B 69 -3.99 7.44 14.84
CA ASN B 69 -2.83 7.97 15.57
C ASN B 69 -3.33 8.34 16.97
N ASN B 70 -2.54 9.09 17.73
CA ASN B 70 -2.95 9.39 19.10
C ASN B 70 -4.10 10.37 19.17
N TYR B 71 -4.48 11.00 18.08
CA TYR B 71 -5.50 12.02 18.05
C TYR B 71 -6.84 11.53 17.51
N ARG B 72 -6.80 10.63 16.55
CA ARG B 72 -8.02 10.29 15.81
C ARG B 72 -7.88 8.87 15.28
N ASN B 73 -9.01 8.22 15.02
CA ASN B 73 -9.05 6.98 14.29
C ASN B 73 -10.25 6.98 13.33
N ALA B 74 -9.96 7.06 12.04
CA ALA B 74 -10.96 7.10 11.01
C ALA B 74 -11.40 5.71 10.56
N HIS B 75 -10.80 4.66 11.10
CA HIS B 75 -11.15 3.28 10.75
C HIS B 75 -11.09 3.07 9.22
N SER B 76 -9.92 3.46 8.67
CA SER B 76 -9.70 3.49 7.22
C SER B 76 -8.21 3.38 6.97
N ALA B 77 -7.87 3.08 5.71
CA ALA B 77 -6.50 2.98 5.30
C ALA B 77 -6.40 3.40 3.83
N THR B 78 -5.32 4.14 3.48
CA THR B 78 -5.05 4.47 2.10
C THR B 78 -3.76 3.82 1.65
N THR B 79 -3.78 3.31 0.42
CA THR B 79 -2.56 2.91 -0.24
C THR B 79 -2.35 3.80 -1.47
N TRP B 80 -1.11 4.23 -1.68
CA TRP B 80 -0.67 4.94 -2.85
C TRP B 80 0.24 4.02 -3.68
N SER B 81 0.01 3.94 -4.97
CA SER B 81 0.82 3.17 -5.89
C SER B 81 1.29 4.10 -7.00
N GLY B 82 2.56 4.12 -7.34
CA GLY B 82 2.99 5.07 -8.32
C GLY B 82 4.43 4.91 -8.70
N GLN B 83 4.98 5.99 -9.23
CA GLN B 83 6.40 5.99 -9.59
C GLN B 83 7.01 7.33 -9.30
N TYR B 84 8.29 7.28 -8.90
CA TYR B 84 9.16 8.43 -8.73
C TYR B 84 9.85 8.71 -10.05
N VAL B 85 9.84 9.98 -10.41
CA VAL B 85 10.48 10.50 -11.60
C VAL B 85 11.46 11.57 -11.20
N GLY B 86 12.78 11.23 -11.31
CA GLY B 86 13.79 12.16 -10.89
C GLY B 86 14.01 13.28 -11.85
N GLY B 87 15.03 14.08 -11.59
CA GLY B 87 15.21 15.24 -12.51
C GLY B 87 15.17 16.52 -11.72
N ALA B 88 15.18 17.66 -12.42
CA ALA B 88 15.26 18.95 -11.79
C ALA B 88 14.13 19.25 -10.84
N GLU B 89 12.99 18.80 -11.26
CA GLU B 89 11.80 18.91 -10.41
C GLU B 89 11.29 17.51 -10.20
N ALA B 90 11.86 16.80 -9.24
CA ALA B 90 11.47 15.45 -8.99
C ALA B 90 9.98 15.38 -8.63
N ARG B 91 9.37 14.25 -9.00
CA ARG B 91 7.93 14.07 -8.79
C ARG B 91 7.65 12.66 -8.40
N ILE B 92 6.62 12.47 -7.58
CA ILE B 92 6.06 11.16 -7.36
C ILE B 92 4.61 11.23 -7.83
N ASN B 93 4.28 10.44 -8.87
CA ASN B 93 2.93 10.41 -9.42
C ASN B 93 2.24 9.15 -8.94
N THR B 94 1.07 9.29 -8.32
CA THR B 94 0.41 8.17 -7.72
C THR B 94 -1.08 8.08 -8.08
N GLN B 95 -1.59 6.91 -7.88
CA GLN B 95 -3.03 6.64 -7.74
C GLN B 95 -3.23 6.00 -6.37
N TRP B 96 -4.36 6.23 -5.76
CA TRP B 96 -4.56 5.73 -4.39
C TRP B 96 -5.96 5.11 -4.26
N LEU B 97 -6.04 4.25 -3.24
CA LEU B 97 -7.24 3.56 -2.83
C LEU B 97 -7.43 3.76 -1.31
N LEU B 98 -8.54 4.34 -0.93
CA LEU B 98 -8.86 4.63 0.49
C LEU B 98 -10.01 3.69 0.85
N THR B 99 -9.75 2.67 1.66
CA THR B 99 -10.78 1.75 2.09
C THR B 99 -11.15 2.06 3.53
N SER B 100 -12.44 2.22 3.76
CA SER B 100 -12.99 2.33 5.11
C SER B 100 -13.54 1.00 5.55
N GLY B 101 -13.39 0.67 6.83
CA GLY B 101 -14.08 -0.47 7.35
C GLY B 101 -15.58 -0.28 7.25
N THR B 102 -16.25 -1.33 6.73
CA THR B 102 -17.70 -1.27 6.53
C THR B 102 -18.28 -2.63 6.94
N THR B 103 -19.62 -2.65 7.06
CA THR B 103 -20.27 -3.91 7.07
C THR B 103 -20.19 -4.57 5.70
N GLU B 104 -20.49 -5.85 5.65
CA GLU B 104 -20.48 -6.57 4.37
C GLU B 104 -21.48 -5.97 3.41
N ALA B 105 -22.65 -5.59 3.91
CA ALA B 105 -23.69 -5.05 2.99
C ALA B 105 -23.23 -3.71 2.41
N ASN B 106 -22.33 -3.01 3.10
CA ASN B 106 -21.91 -1.71 2.56
C ASN B 106 -20.54 -1.72 1.93
N ALA B 107 -20.03 -2.93 1.74
CA ALA B 107 -18.72 -3.02 1.17
C ALA B 107 -18.61 -2.44 -0.23
N TRP B 108 -19.71 -2.41 -0.96
CA TRP B 108 -19.68 -1.88 -2.29
C TRP B 108 -19.28 -0.42 -2.31
N LYS B 109 -19.48 0.32 -1.20
CA LYS B 109 -19.15 1.72 -1.09
C LYS B 109 -18.00 1.96 -0.12
N SER B 110 -17.14 0.99 0.05
CA SER B 110 -16.05 1.07 0.99
C SER B 110 -14.79 1.78 0.47
N THR B 111 -14.62 1.91 -0.84
CA THR B 111 -13.32 2.26 -1.38
C THR B 111 -13.38 3.46 -2.32
N LEU B 112 -12.73 4.55 -1.93
CA LEU B 112 -12.53 5.71 -2.76
C LEU B 112 -11.24 5.53 -3.56
N VAL B 113 -11.20 6.12 -4.77
CA VAL B 113 -10.03 6.11 -5.63
C VAL B 113 -9.71 7.53 -6.04
N GLY B 114 -8.42 7.84 -6.15
CA GLY B 114 -8.00 9.12 -6.59
C GLY B 114 -6.56 9.12 -7.03
N HIS B 115 -6.03 10.31 -7.24
CA HIS B 115 -4.66 10.43 -7.74
C HIS B 115 -4.00 11.66 -7.11
N ASP B 116 -2.79 11.48 -6.63
CA ASP B 116 -2.02 12.53 -6.01
C ASP B 116 -0.67 12.66 -6.71
N THR B 117 -0.24 13.88 -6.93
CA THR B 117 1.11 14.15 -7.45
C THR B 117 1.89 14.93 -6.39
N PHE B 118 3.09 14.47 -6.13
CA PHE B 118 3.92 15.02 -5.08
C PHE B 118 5.15 15.67 -5.69
N THR B 119 5.55 16.81 -5.11
CA THR B 119 6.87 17.41 -5.41
C THR B 119 7.47 17.86 -4.08
N LYS B 120 8.74 18.27 -4.12
CA LYS B 120 9.39 18.73 -2.89
C LYS B 120 9.22 20.20 -2.65
N VAL B 121 8.40 20.88 -3.42
CA VAL B 121 8.10 22.29 -3.28
C VAL B 121 7.05 22.52 -2.19
N LYS B 122 7.45 23.34 -1.20
CA LYS B 122 6.54 23.64 -0.10
C LYS B 122 5.50 24.63 -0.54
N PRO B 123 4.27 24.39 -0.18
CA PRO B 123 3.30 25.45 -0.39
C PRO B 123 3.71 26.73 0.33
C11 BTN C . 4.52 -7.92 -12.22
O11 BTN C . 4.06 -8.68 -13.14
O12 BTN C . 4.87 -6.69 -12.49
C10 BTN C . 4.75 -8.46 -10.85
C9 BTN C . 3.78 -9.43 -10.34
C8 BTN C . 2.40 -8.77 -10.12
C7 BTN C . 1.35 -9.79 -9.75
C2 BTN C . 0.08 -9.28 -9.22
S1 BTN C . -0.16 -8.24 -7.92
C6 BTN C . -1.87 -8.14 -8.02
C5 BTN C . -2.27 -9.57 -8.43
N1 BTN C . -2.53 -10.38 -7.25
C3 BTN C . -1.65 -11.41 -7.21
O3 BTN C . -1.67 -12.29 -6.31
N2 BTN C . -0.82 -11.41 -8.25
C4 BTN C . -1.11 -10.25 -9.15
C11 BTQ D . 4.52 -7.92 -12.22
O11 BTQ D . 4.06 -8.68 -13.14
O12 BTQ D . 4.87 -6.69 -12.49
C10 BTQ D . 4.75 -8.46 -10.85
C9 BTQ D . 3.78 -9.43 -10.34
C8 BTQ D . 2.40 -8.77 -10.12
C7 BTQ D . 1.35 -9.79 -9.75
C2 BTQ D . 0.08 -9.28 -9.22
S1 BTQ D . -0.47 -7.64 -9.08
C6 BTQ D . -1.87 -8.14 -8.02
C5 BTQ D . -2.27 -9.57 -8.43
N1 BTQ D . -2.53 -10.38 -7.25
C3 BTQ D . -1.65 -11.41 -7.21
O3 BTQ D . -1.67 -12.29 -6.31
N2 BTQ D . -0.82 -11.41 -8.25
C4 BTQ D . -1.11 -10.25 -9.15
C1 GOL E . 5.69 -2.94 8.81
O1 GOL E . 4.83 -1.82 8.90
C2 GOL E . 7.02 -2.97 9.51
O2 GOL E . 8.20 -2.66 8.76
C3 GOL E . 7.32 -3.21 10.98
O3 GOL E . 8.00 -2.01 11.49
C1 GOL F . 2.01 -13.72 -16.98
O1 GOL F . 1.94 -12.32 -17.16
C2 GOL F . 1.28 -14.27 -15.79
O2 GOL F . -0.17 -14.25 -15.95
C3 GOL F . 1.71 -15.55 -15.12
O3 GOL F . 1.35 -16.69 -15.92
C11 BTN G . -10.19 9.55 6.10
O11 BTN G . -10.88 10.53 5.86
O12 BTN G . -10.68 8.36 6.12
C10 BTN G . -8.72 9.68 6.43
C9 BTN G . -7.97 10.71 5.63
C8 BTN G . -7.89 10.38 4.19
C7 BTN G . -7.25 11.43 3.34
C2 BTN G . -6.84 11.11 1.95
S1 BTN G . -5.75 9.85 1.54
C6 BTN G . -5.88 10.12 -0.17
C5 BTN G . -5.93 11.66 -0.29
N1 BTN G . -4.60 12.25 -0.38
C3 BTN G . -4.35 13.02 0.70
O3 BTN G . -3.28 13.68 0.88
N2 BTN G . -5.39 13.09 1.51
C4 BTN G . -6.52 12.24 1.05
C11 BTQ H . -10.19 9.55 6.10
O11 BTQ H . -10.88 10.53 5.86
O12 BTQ H . -10.68 8.36 6.12
C10 BTQ H . -8.72 9.68 6.43
C9 BTQ H . -7.97 10.71 5.63
C8 BTQ H . -7.89 10.38 4.19
C7 BTQ H . -7.25 11.43 3.34
C2 BTQ H . -6.84 11.11 1.95
S1 BTQ H . -7.00 9.59 1.11
C6 BTQ H . -5.88 10.12 -0.17
C5 BTQ H . -5.93 11.66 -0.29
N1 BTQ H . -4.60 12.25 -0.38
C3 BTQ H . -4.35 13.02 0.70
O3 BTQ H . -3.28 13.68 0.88
N2 BTQ H . -5.39 13.09 1.51
C4 BTQ H . -6.52 12.24 1.05
C1 GOL I . -2.73 17.36 17.04
O1 GOL I . -3.62 17.99 16.11
C2 GOL I . -1.36 18.05 17.11
O2 GOL I . -1.61 19.46 16.93
C3 GOL I . -0.51 17.85 18.37
O3 GOL I . 0.90 18.03 18.11
#